data_6K9B
#
_entry.id   6K9B
#
_cell.length_a   53.136
_cell.length_b   107.555
_cell.length_c   66.868
_cell.angle_alpha   90.00
_cell.angle_beta   113.34
_cell.angle_gamma   90.00
#
_symmetry.space_group_name_H-M   'P 1 21 1'
#
loop_
_entity.id
_entity.type
_entity.pdbx_description
1 polymer Primase
2 water water
#
_entity_poly.entity_id   1
_entity_poly.type   'polypeptide(L)'
_entity_poly.pdbx_seq_one_letter_code
;SMIMEIPAIKALSRYAQWVIWKKERDTKIPYNPNNGKKASSTDPLAWGDIDEAQAGLVRYGANGLGFVLTKSDPFVFIDL
DHVLDENKRVKCEWARQLLKEIKSYTEISPSGDGLHVVVSGKLPDYIKHKTKFDDGSALEVYESGRYMTITGEVFDGRDD
IKELDLSILGEFAEHKIETKNAPVQIESATTLDDEAIIDLMKRKGQWPDAPKDGDDWSSLDMSFANRLAFWCGKDIERMD
RIFRQSPLMRQKWDRPTAGSTYGRITLKKACDFVDSVYDPALRNESDCPFEPYNEEGGPRNDKEEK
;
_entity_poly.pdbx_strand_id   A,B
#
# COMPACT_ATOMS: atom_id res chain seq x y z
C SER A 1 -13.99 15.62 6.46
N MET A 2 -14.16 16.84 5.94
CA MET A 2 -14.86 17.05 4.67
C MET A 2 -13.98 17.79 3.68
N ILE A 3 -13.58 17.10 2.61
CA ILE A 3 -12.52 17.56 1.70
C ILE A 3 -12.75 18.97 1.12
N MET A 4 -13.98 19.26 0.71
CA MET A 4 -14.33 20.54 0.06
C MET A 4 -14.40 21.75 0.99
N GLU A 5 -14.49 21.51 2.30
CA GLU A 5 -14.42 22.59 3.31
C GLU A 5 -12.99 23.00 3.66
N ILE A 6 -12.00 22.22 3.23
CA ILE A 6 -10.60 22.50 3.50
C ILE A 6 -10.19 23.71 2.64
N PRO A 7 -9.78 24.84 3.28
CA PRO A 7 -9.47 26.06 2.52
C PRO A 7 -8.51 25.89 1.33
N ALA A 8 -7.46 25.09 1.53
CA ALA A 8 -6.50 24.78 0.46
C ALA A 8 -7.15 24.12 -0.75
N ILE A 9 -8.09 23.20 -0.50
CA ILE A 9 -8.83 22.53 -1.58
C ILE A 9 -9.72 23.53 -2.33
N LYS A 10 -10.31 24.48 -1.62
CA LYS A 10 -11.09 25.56 -2.26
C LYS A 10 -10.27 26.41 -3.23
N ALA A 11 -9.05 26.78 -2.82
CA ALA A 11 -8.15 27.57 -3.67
C ALA A 11 -7.72 26.82 -4.93
N LEU A 12 -7.34 25.55 -4.77
CA LEU A 12 -7.01 24.69 -5.90
C LEU A 12 -8.21 24.38 -6.79
N SER A 13 -9.41 24.33 -6.21
CA SER A 13 -10.65 24.09 -6.97
C SER A 13 -11.02 25.23 -7.92
N ARG A 14 -10.36 26.38 -7.82
CA ARG A 14 -10.52 27.46 -8.80
C ARG A 14 -9.91 27.12 -10.17
N TYR A 15 -8.89 26.26 -10.18
CA TYR A 15 -8.14 25.95 -11.39
C TYR A 15 -8.65 24.66 -12.03
N ALA A 16 -8.71 24.63 -13.36
CA ALA A 16 -9.15 23.44 -14.10
C ALA A 16 -7.95 22.58 -14.48
N GLN A 17 -7.20 22.18 -13.45
CA GLN A 17 -5.92 21.50 -13.62
C GLN A 17 -5.91 20.19 -12.82
N TRP A 18 -7.09 19.55 -12.72
CA TRP A 18 -7.24 18.33 -11.92
C TRP A 18 -7.21 17.07 -12.79
N VAL A 19 -6.66 16.02 -12.19
CA VAL A 19 -6.61 14.68 -12.79
C VAL A 19 -6.97 13.65 -11.71
N ILE A 20 -7.02 12.39 -12.11
CA ILE A 20 -7.17 11.26 -11.17
C ILE A 20 -5.99 10.32 -11.38
N TRP A 21 -5.74 9.45 -10.41
CA TRP A 21 -4.61 8.53 -10.51
C TRP A 21 -4.95 7.11 -10.05
N LYS A 22 -4.19 6.16 -10.61
CA LYS A 22 -4.27 4.76 -10.23
C LYS A 22 -2.87 4.27 -9.89
N LYS A 23 -2.79 3.33 -8.98
CA LYS A 23 -1.51 2.78 -8.60
C LYS A 23 -1.11 1.65 -9.51
N GLU A 24 0.09 1.68 -10.02
CA GLU A 24 0.56 0.63 -10.87
C GLU A 24 1.83 0.14 -10.33
N ARG A 25 1.85 -1.06 -9.78
CA ARG A 25 3.09 -1.57 -9.21
C ARG A 25 3.50 -0.60 -8.09
N ASP A 26 4.49 0.23 -8.28
CA ASP A 26 4.86 1.18 -7.24
C ASP A 26 4.73 2.62 -7.69
N THR A 27 4.24 2.80 -8.89
CA THR A 27 4.14 4.14 -9.47
C THR A 27 2.67 4.59 -9.55
N LYS A 28 2.46 5.90 -9.58
CA LYS A 28 1.12 6.49 -9.63
C LYS A 28 0.90 7.24 -10.95
N ILE A 29 0.17 6.61 -11.87
CA ILE A 29 -0.03 7.13 -13.22
C ILE A 29 -1.26 8.05 -13.25
N PRO A 30 -1.13 9.27 -13.83
CA PRO A 30 -2.28 10.18 -13.93
C PRO A 30 -3.21 9.88 -15.11
N TYR A 31 -4.50 10.09 -14.91
CA TYR A 31 -5.52 9.78 -15.91
C TYR A 31 -6.43 10.97 -16.18
N ASN A 32 -6.92 11.02 -17.41
CA ASN A 32 -7.86 12.02 -17.88
C ASN A 32 -9.22 11.73 -17.23
N PRO A 33 -9.75 12.66 -16.42
CA PRO A 33 -10.98 12.39 -15.65
C PRO A 33 -12.30 12.43 -16.41
N ASN A 34 -12.26 12.90 -17.66
CA ASN A 34 -13.43 12.95 -18.54
C ASN A 34 -13.60 11.75 -19.48
N ASN A 35 -12.51 11.06 -19.84
CA ASN A 35 -12.60 9.83 -20.66
C ASN A 35 -11.78 8.62 -20.14
N GLY A 36 -11.21 8.71 -18.94
CA GLY A 36 -10.50 7.58 -18.33
C GLY A 36 -9.23 7.12 -19.00
N LYS A 37 -8.69 7.92 -19.91
CA LYS A 37 -7.45 7.60 -20.61
C LYS A 37 -6.29 8.23 -19.88
N LYS A 38 -5.08 7.76 -20.15
CA LYS A 38 -3.89 8.36 -19.55
C LYS A 38 -3.77 9.83 -19.96
N ALA A 39 -3.09 10.60 -19.12
CA ALA A 39 -3.05 12.05 -19.23
C ALA A 39 -1.63 12.58 -19.38
N SER A 40 -1.45 13.51 -20.31
CA SER A 40 -0.24 14.30 -20.41
C SER A 40 -0.28 15.36 -19.32
N SER A 41 0.83 15.58 -18.64
CA SER A 41 0.94 16.65 -17.64
C SER A 41 1.32 18.01 -18.24
N THR A 42 1.42 18.10 -19.57
CA THR A 42 1.68 19.36 -20.26
C THR A 42 0.54 19.84 -21.19
N ASP A 43 -0.48 19.00 -21.42
CA ASP A 43 -1.61 19.33 -22.29
C ASP A 43 -2.83 19.71 -21.42
N PRO A 44 -3.24 21.00 -21.43
CA PRO A 44 -4.35 21.48 -20.57
C PRO A 44 -5.69 20.75 -20.71
N LEU A 45 -6.07 20.39 -21.93
CA LEU A 45 -7.39 19.79 -22.18
C LEU A 45 -7.52 18.29 -21.82
N ALA A 46 -6.45 17.69 -21.31
CA ALA A 46 -6.50 16.34 -20.71
C ALA A 46 -6.86 16.38 -19.22
N TRP A 47 -7.00 17.57 -18.65
CA TRP A 47 -7.32 17.76 -17.24
C TRP A 47 -8.78 18.17 -17.12
N GLY A 48 -9.27 18.29 -15.89
CA GLY A 48 -10.63 18.77 -15.62
C GLY A 48 -10.65 19.69 -14.41
N ASP A 49 -11.84 20.19 -14.07
CA ASP A 49 -12.06 20.89 -12.81
C ASP A 49 -12.28 19.85 -11.70
N ILE A 50 -12.35 20.31 -10.45
CA ILE A 50 -12.50 19.41 -9.29
C ILE A 50 -13.73 18.50 -9.40
N ASP A 51 -14.84 19.04 -9.87
CA ASP A 51 -16.09 18.28 -10.03
C ASP A 51 -15.95 17.15 -11.05
N GLU A 52 -15.36 17.44 -12.21
CA GLU A 52 -15.06 16.43 -13.22
C GLU A 52 -14.05 15.37 -12.75
N ALA A 53 -13.07 15.78 -11.97
CA ALA A 53 -12.11 14.86 -11.36
C ALA A 53 -12.78 13.96 -10.32
N GLN A 54 -13.70 14.54 -9.55
CA GLN A 54 -14.49 13.80 -8.56
C GLN A 54 -15.48 12.85 -9.20
N ALA A 55 -16.11 13.28 -10.31
CA ALA A 55 -16.97 12.43 -11.12
C ALA A 55 -16.17 11.32 -11.80
N GLY A 56 -14.96 11.64 -12.28
CA GLY A 56 -14.07 10.65 -12.88
C GLY A 56 -13.49 9.65 -11.88
N LEU A 57 -13.19 10.13 -10.67
CA LEU A 57 -12.74 9.27 -9.58
C LEU A 57 -13.73 8.12 -9.38
N VAL A 58 -14.99 8.50 -9.20
CA VAL A 58 -16.10 7.55 -9.05
C VAL A 58 -16.28 6.68 -10.28
N ARG A 59 -16.31 7.32 -11.45
CA ARG A 59 -16.67 6.63 -12.71
C ARG A 59 -15.71 5.50 -13.09
N TYR A 60 -14.42 5.67 -12.83
CA TYR A 60 -13.39 4.70 -13.25
C TYR A 60 -12.73 3.92 -12.11
N GLY A 61 -13.25 4.07 -10.89
CA GLY A 61 -12.68 3.36 -9.73
C GLY A 61 -11.23 3.72 -9.44
N ALA A 62 -10.87 4.98 -9.66
CA ALA A 62 -9.49 5.44 -9.47
C ALA A 62 -9.11 5.51 -7.99
N ASN A 63 -7.81 5.62 -7.73
CA ASN A 63 -7.29 5.60 -6.36
C ASN A 63 -7.38 6.95 -5.63
N GLY A 64 -7.34 8.06 -6.37
CA GLY A 64 -7.40 9.39 -5.75
C GLY A 64 -7.37 10.53 -6.76
N LEU A 65 -7.45 11.75 -6.23
CA LEU A 65 -7.36 12.96 -7.04
C LEU A 65 -5.92 13.41 -7.15
N GLY A 66 -5.62 14.17 -8.20
CA GLY A 66 -4.32 14.83 -8.36
C GLY A 66 -4.45 16.18 -9.02
N PHE A 67 -3.41 17.01 -8.89
CA PHE A 67 -3.39 18.38 -9.39
C PHE A 67 -2.12 18.63 -10.21
N VAL A 68 -2.30 19.17 -11.42
CA VAL A 68 -1.19 19.40 -12.36
C VAL A 68 -0.64 20.80 -12.16
N LEU A 69 0.66 20.89 -11.88
CA LEU A 69 1.33 22.16 -11.69
C LEU A 69 1.72 22.76 -13.03
N THR A 70 1.64 24.09 -13.11
CA THR A 70 2.10 24.84 -14.29
C THR A 70 2.90 26.05 -13.85
N LYS A 71 3.61 26.66 -14.79
CA LYS A 71 4.49 27.79 -14.51
C LYS A 71 3.72 29.10 -14.29
N SER A 72 2.49 29.17 -14.81
CA SER A 72 1.65 30.36 -14.65
C SER A 72 0.93 30.43 -13.30
N ASP A 73 0.49 29.29 -12.76
CA ASP A 73 -0.18 29.28 -11.44
C ASP A 73 0.85 29.53 -10.30
N PRO A 74 0.37 29.94 -9.10
CA PRO A 74 1.30 30.32 -8.03
C PRO A 74 1.80 29.19 -7.13
N PHE A 75 1.37 27.96 -7.37
CA PHE A 75 1.56 26.87 -6.41
C PHE A 75 2.92 26.17 -6.55
N VAL A 76 3.52 25.87 -5.40
CA VAL A 76 4.77 25.11 -5.30
C VAL A 76 4.48 23.88 -4.45
N PHE A 77 4.89 22.73 -4.97
CA PHE A 77 4.64 21.43 -4.35
C PHE A 77 5.95 21.00 -3.72
N ILE A 78 5.92 20.73 -2.41
CA ILE A 78 7.08 20.25 -1.66
C ILE A 78 6.71 18.88 -1.07
N ASP A 79 7.46 17.86 -1.47
CA ASP A 79 7.23 16.46 -1.07
C ASP A 79 8.32 16.01 -0.10
N LEU A 80 7.90 15.68 1.13
CA LEU A 80 8.79 15.13 2.15
C LEU A 80 8.48 13.64 2.25
N ASP A 81 9.38 12.80 1.72
CA ASP A 81 9.12 11.36 1.58
C ASP A 81 9.78 10.52 2.69
N HIS A 82 9.04 9.53 3.19
CA HIS A 82 9.48 8.63 4.27
C HIS A 82 9.91 9.38 5.54
N VAL A 83 9.17 10.41 5.93
CA VAL A 83 9.52 11.23 7.10
C VAL A 83 8.58 11.02 8.30
N LEU A 84 7.66 10.07 8.18
CA LEU A 84 6.70 9.80 9.26
C LEU A 84 6.86 8.39 9.83
N ASP A 85 6.65 8.28 11.14
CA ASP A 85 6.65 6.99 11.85
C ASP A 85 5.27 6.31 11.74
N GLU A 86 5.08 5.19 12.46
CA GLU A 86 3.85 4.40 12.37
C GLU A 86 2.62 5.09 13.01
N ASN A 87 2.87 6.00 13.96
CA ASN A 87 1.81 6.81 14.60
C ASN A 87 1.62 8.20 13.95
N LYS A 88 2.11 8.38 12.72
CA LYS A 88 1.96 9.61 11.93
C LYS A 88 2.49 10.87 12.63
N ARG A 89 3.68 10.73 13.23
CA ARG A 89 4.45 11.84 13.76
C ARG A 89 5.79 11.90 13.05
N VAL A 90 6.43 13.06 13.08
CA VAL A 90 7.64 13.31 12.31
C VAL A 90 8.85 12.68 13.01
N LYS A 91 9.50 11.73 12.33
CA LYS A 91 10.69 11.04 12.85
C LYS A 91 12.02 11.69 12.45
N CYS A 92 12.05 12.37 11.30
CA CYS A 92 13.26 13.02 10.78
C CYS A 92 13.43 14.43 11.33
N GLU A 93 14.68 14.81 11.60
CA GLU A 93 14.98 16.12 12.18
C GLU A 93 14.84 17.23 11.15
N TRP A 94 15.43 17.03 9.96
CA TRP A 94 15.35 18.02 8.88
C TRP A 94 13.92 18.38 8.47
N ALA A 95 13.01 17.41 8.57
CA ALA A 95 11.58 17.63 8.32
C ALA A 95 10.97 18.50 9.42
N ARG A 96 11.29 18.18 10.67
CA ARG A 96 10.86 18.97 11.83
C ARG A 96 11.36 20.41 11.73
N GLN A 97 12.61 20.58 11.29
CA GLN A 97 13.17 21.90 11.01
C GLN A 97 12.39 22.62 9.89
N LEU A 98 12.12 21.90 8.81
CA LEU A 98 11.43 22.45 7.64
C LEU A 98 10.01 22.92 7.95
N LEU A 99 9.28 22.14 8.74
CA LEU A 99 7.90 22.49 9.12
C LEU A 99 7.81 23.68 10.09
N LYS A 100 8.87 23.92 10.87
CA LYS A 100 8.98 25.14 11.68
C LYS A 100 9.19 26.38 10.81
N GLU A 101 10.07 26.25 9.81
CA GLU A 101 10.47 27.38 8.97
C GLU A 101 9.42 27.69 7.89
N ILE A 102 8.82 26.65 7.31
CA ILE A 102 7.77 26.79 6.28
C ILE A 102 6.45 26.24 6.81
N LYS A 103 5.55 27.13 7.23
CA LYS A 103 4.23 26.77 7.72
C LYS A 103 3.16 27.10 6.68
N SER A 104 2.62 26.06 6.04
CA SER A 104 1.57 26.22 5.04
C SER A 104 0.73 24.94 4.98
N TYR A 105 -0.22 24.88 4.04
CA TYR A 105 -1.07 23.70 3.87
C TYR A 105 -0.22 22.45 3.81
N THR A 106 -0.51 21.50 4.70
CA THR A 106 0.22 20.24 4.79
C THR A 106 -0.76 19.09 4.88
N GLU A 107 -0.49 18.03 4.13
CA GLU A 107 -1.28 16.80 4.15
C GLU A 107 -0.38 15.59 4.12
N ILE A 108 -0.91 14.48 4.61
CA ILE A 108 -0.17 13.22 4.62
C ILE A 108 -0.33 12.57 3.23
N SER A 109 0.76 11.99 2.74
CA SER A 109 0.79 11.34 1.43
C SER A 109 -0.19 10.14 1.36
N PRO A 110 -0.46 9.62 0.15
CA PRO A 110 -1.35 8.44 0.04
C PRO A 110 -0.82 7.23 0.80
N SER A 111 0.48 6.95 0.65
CA SER A 111 1.14 5.82 1.32
C SER A 111 1.03 5.88 2.84
N GLY A 112 1.06 7.10 3.38
CA GLY A 112 0.89 7.33 4.82
C GLY A 112 2.17 7.59 5.59
N ASP A 113 3.33 7.48 4.93
CA ASP A 113 4.63 7.68 5.58
C ASP A 113 5.36 8.97 5.15
N GLY A 114 4.69 9.79 4.33
CA GLY A 114 5.25 11.05 3.82
C GLY A 114 4.30 12.22 3.97
N LEU A 115 4.79 13.42 3.67
CA LEU A 115 4.01 14.65 3.75
C LEU A 115 4.10 15.42 2.46
N HIS A 116 3.02 16.11 2.10
CA HIS A 116 3.02 17.11 1.04
C HIS A 116 2.80 18.49 1.66
N VAL A 117 3.48 19.49 1.10
CA VAL A 117 3.29 20.88 1.51
C VAL A 117 3.03 21.69 0.24
N VAL A 118 1.94 22.46 0.26
CA VAL A 118 1.59 23.37 -0.84
C VAL A 118 1.79 24.79 -0.36
N VAL A 119 2.51 25.58 -1.15
CA VAL A 119 2.81 26.99 -0.85
C VAL A 119 2.51 27.83 -2.08
N SER A 120 2.01 29.04 -1.88
CA SER A 120 1.92 30.03 -2.94
C SER A 120 3.24 30.79 -2.94
N GLY A 121 4.03 30.62 -3.99
CA GLY A 121 5.29 31.33 -4.09
C GLY A 121 6.07 31.00 -5.33
N LYS A 122 7.40 30.99 -5.19
CA LYS A 122 8.32 30.78 -6.30
C LYS A 122 9.55 30.03 -5.76
N LEU A 123 10.01 29.01 -6.49
CA LEU A 123 11.25 28.31 -6.11
C LEU A 123 12.47 29.14 -6.50
N PRO A 124 13.50 29.16 -5.63
CA PRO A 124 14.76 29.75 -6.09
C PRO A 124 15.40 28.90 -7.18
N ASP A 125 16.00 29.54 -8.18
CA ASP A 125 16.54 28.85 -9.36
C ASP A 125 17.84 28.07 -9.13
N TYR A 126 18.40 28.17 -7.92
CA TYR A 126 19.72 27.61 -7.61
C TYR A 126 19.66 26.31 -6.78
N ILE A 127 18.49 25.68 -6.68
CA ILE A 127 18.36 24.40 -5.95
C ILE A 127 17.85 23.26 -6.83
N LYS A 128 18.29 22.05 -6.50
CA LYS A 128 17.92 20.85 -7.27
C LYS A 128 16.51 20.41 -6.87
N HIS A 129 15.80 19.84 -7.84
CA HIS A 129 14.45 19.33 -7.61
C HIS A 129 14.41 18.20 -6.58
N LYS A 130 15.44 17.35 -6.58
CA LYS A 130 15.51 16.18 -5.70
C LYS A 130 16.73 16.18 -4.78
N THR A 131 16.52 15.79 -3.53
CA THR A 131 17.59 15.69 -2.53
C THR A 131 17.37 14.47 -1.65
N LYS A 132 18.23 13.46 -1.80
CA LYS A 132 18.21 12.26 -0.92
C LYS A 132 19.00 12.49 0.37
N PHE A 133 18.55 11.86 1.44
CA PHE A 133 19.30 11.82 2.71
C PHE A 133 19.79 10.39 2.97
N ASP A 134 20.73 10.24 3.91
CA ASP A 134 21.33 8.92 4.21
C ASP A 134 20.36 7.92 4.83
N ASP A 135 19.59 8.38 5.82
CA ASP A 135 18.63 7.53 6.55
C ASP A 135 17.56 6.85 5.68
N GLY A 136 17.19 7.47 4.56
CA GLY A 136 16.13 6.98 3.66
C GLY A 136 15.12 8.02 3.24
N SER A 137 15.07 9.16 3.93
CA SER A 137 14.12 10.23 3.62
C SER A 137 14.54 11.02 2.37
N ALA A 138 13.62 11.84 1.86
CA ALA A 138 13.84 12.60 0.63
C ALA A 138 13.05 13.91 0.58
N LEU A 139 13.61 14.91 -0.09
CA LEU A 139 12.95 16.19 -0.36
C LEU A 139 12.84 16.37 -1.86
N GLU A 140 11.61 16.56 -2.35
CA GLU A 140 11.35 16.88 -3.76
C GLU A 140 10.59 18.19 -3.84
N VAL A 141 10.96 19.05 -4.79
CA VAL A 141 10.29 20.35 -4.98
C VAL A 141 10.04 20.66 -6.45
N TYR A 142 8.79 21.02 -6.76
CA TYR A 142 8.37 21.36 -8.12
C TYR A 142 7.34 22.49 -8.11
N GLU A 143 7.37 23.31 -9.16
CA GLU A 143 6.34 24.33 -9.41
C GLU A 143 5.65 24.18 -10.78
N SER A 144 6.14 23.27 -11.63
CA SER A 144 5.53 23.02 -12.94
C SER A 144 5.96 21.67 -13.53
N GLY A 145 5.29 21.27 -14.61
CA GLY A 145 5.70 20.13 -15.43
C GLY A 145 5.14 18.77 -15.06
N ARG A 146 4.66 18.63 -13.82
CA ARG A 146 4.15 17.34 -13.35
C ARG A 146 2.95 17.51 -12.41
N TYR A 147 2.31 16.39 -12.11
CA TYR A 147 1.16 16.37 -11.22
C TYR A 147 1.55 15.99 -9.79
N MET A 148 0.61 16.22 -8.89
CA MET A 148 0.76 15.99 -7.46
C MET A 148 -0.53 15.32 -6.98
N THR A 149 -0.42 14.28 -6.16
CA THR A 149 -1.62 13.63 -5.58
C THR A 149 -2.19 14.48 -4.45
N ILE A 150 -3.51 14.50 -4.35
CA ILE A 150 -4.23 15.26 -3.33
C ILE A 150 -5.12 14.30 -2.53
N THR A 151 -4.76 14.10 -1.25
CA THR A 151 -5.49 13.23 -0.32
C THR A 151 -6.53 13.98 0.51
N GLY A 152 -6.18 15.18 0.95
CA GLY A 152 -7.01 15.96 1.85
C GLY A 152 -6.87 15.59 3.32
N GLU A 153 -5.91 14.72 3.65
CA GLU A 153 -5.70 14.26 5.02
C GLU A 153 -4.79 15.26 5.72
N VAL A 154 -5.40 16.25 6.38
CA VAL A 154 -4.67 17.40 6.90
C VAL A 154 -3.78 17.02 8.07
N PHE A 155 -2.52 17.47 8.02
CA PHE A 155 -1.52 17.24 9.06
C PHE A 155 -1.47 18.45 10.00
N ASP A 156 -1.65 18.23 11.29
CA ASP A 156 -1.43 19.25 12.34
C ASP A 156 -2.30 20.51 12.18
N GLY A 157 -3.52 20.33 11.68
CA GLY A 157 -4.45 21.45 11.44
C GLY A 157 -4.00 22.49 10.41
N ARG A 158 -3.01 22.15 9.59
CA ARG A 158 -2.45 23.06 8.59
C ARG A 158 -3.25 22.95 7.29
N ASP A 159 -4.35 23.69 7.23
CA ASP A 159 -5.39 23.50 6.21
C ASP A 159 -5.44 24.60 5.13
N ASP A 160 -4.53 25.56 5.21
CA ASP A 160 -4.61 26.79 4.43
C ASP A 160 -3.29 27.03 3.70
N ILE A 161 -3.38 27.42 2.42
CA ILE A 161 -2.20 27.71 1.60
C ILE A 161 -1.77 29.15 1.86
N LYS A 162 -0.52 29.33 2.26
CA LYS A 162 0.02 30.63 2.62
C LYS A 162 1.00 31.13 1.57
N GLU A 163 1.01 32.44 1.34
CA GLU A 163 2.05 33.09 0.54
C GLU A 163 3.30 33.18 1.39
N LEU A 164 4.37 32.50 0.97
CA LEU A 164 5.63 32.49 1.71
C LEU A 164 6.86 32.64 0.81
N ASP A 165 7.94 33.14 1.41
CA ASP A 165 9.28 33.10 0.82
C ASP A 165 9.82 31.67 0.93
N LEU A 166 10.51 31.22 -0.11
CA LEU A 166 11.08 29.87 -0.15
C LEU A 166 12.60 29.88 -0.36
N SER A 167 13.27 30.90 0.18
CA SER A 167 14.74 30.94 0.26
C SER A 167 15.28 29.92 1.25
N ILE A 168 14.48 29.60 2.28
CA ILE A 168 14.91 28.71 3.36
C ILE A 168 15.09 27.23 2.92
N LEU A 169 14.54 26.87 1.77
CA LEU A 169 14.83 25.57 1.12
C LEU A 169 16.32 25.39 0.77
N GLY A 170 17.08 26.47 0.73
CA GLY A 170 18.54 26.41 0.67
C GLY A 170 19.22 25.68 1.82
N GLU A 171 18.59 25.69 3.01
CA GLU A 171 19.10 24.95 4.17
C GLU A 171 18.99 23.42 4.03
N PHE A 172 18.02 22.96 3.26
CA PHE A 172 17.68 21.53 3.16
C PHE A 172 18.04 20.93 1.81
N ALA A 173 17.60 21.56 0.72
CA ALA A 173 17.87 21.09 -0.63
C ALA A 173 19.32 21.35 -1.06
N GLU A 174 19.85 20.46 -1.89
CA GLU A 174 21.19 20.62 -2.47
C GLU A 174 21.15 21.64 -3.60
N HIS A 175 22.20 22.46 -3.71
CA HIS A 175 22.25 23.54 -4.69
C HIS A 175 22.84 23.01 -6.00
N LYS A 176 22.54 23.71 -7.08
CA LYS A 176 23.05 23.38 -8.43
C LYS A 176 23.77 24.58 -9.05
N ILE A 177 24.69 24.30 -9.96
CA ILE A 177 25.54 25.29 -10.62
C ILE A 177 25.00 25.60 -12.03
N LEU A 192 14.68 17.00 -17.05
CA LEU A 192 14.49 15.55 -17.00
C LEU A 192 15.38 14.83 -18.02
N ASP A 193 16.68 15.14 -18.00
CA ASP A 193 17.65 14.55 -18.93
C ASP A 193 18.22 13.23 -18.39
N ASP A 194 18.49 13.18 -17.09
CA ASP A 194 18.73 11.91 -16.40
C ASP A 194 17.47 11.05 -16.40
N GLU A 195 16.32 11.68 -16.17
CA GLU A 195 15.02 11.00 -16.20
C GLU A 195 14.62 10.47 -17.58
N ALA A 196 15.09 11.14 -18.64
CA ALA A 196 14.93 10.65 -20.01
C ALA A 196 15.66 9.31 -20.22
N ILE A 197 16.87 9.21 -19.67
CA ILE A 197 17.65 7.97 -19.72
C ILE A 197 16.97 6.88 -18.87
N ILE A 198 16.51 7.25 -17.68
CA ILE A 198 15.80 6.31 -16.79
C ILE A 198 14.51 5.80 -17.44
N ASP A 199 13.72 6.72 -18.00
CA ASP A 199 12.47 6.38 -18.69
C ASP A 199 12.73 5.54 -19.95
N LEU A 200 13.78 5.87 -20.69
CA LEU A 200 14.23 5.09 -21.84
C LEU A 200 14.63 3.66 -21.43
N MET A 201 15.42 3.54 -20.37
CA MET A 201 15.83 2.23 -19.85
C MET A 201 14.65 1.37 -19.36
N LYS A 202 13.65 1.99 -18.75
CA LYS A 202 12.48 1.26 -18.25
C LYS A 202 11.64 0.61 -19.35
N ARG A 203 11.40 1.33 -20.44
CA ARG A 203 10.61 0.80 -21.58
C ARG A 203 11.40 -0.11 -22.53
N LYS A 204 12.73 -0.20 -22.37
CA LYS A 204 13.56 -1.20 -23.06
C LYS A 204 13.77 -2.49 -22.24
N GLY A 205 13.19 -2.54 -21.03
CA GLY A 205 13.39 -3.68 -20.11
C GLY A 205 14.78 -3.73 -19.48
N GLN A 206 15.46 -2.59 -19.42
CA GLN A 206 16.84 -2.51 -18.90
C GLN A 206 16.92 -1.94 -17.48
N TRP A 207 15.78 -1.82 -16.79
CA TRP A 207 15.73 -1.36 -15.39
C TRP A 207 15.66 -2.57 -14.46
N PRO A 208 16.59 -2.68 -13.50
CA PRO A 208 16.71 -3.92 -12.72
C PRO A 208 15.63 -4.07 -11.65
N ASP A 209 15.34 -5.31 -11.30
CA ASP A 209 14.45 -5.62 -10.19
C ASP A 209 15.18 -5.42 -8.87
N ALA A 210 14.43 -5.09 -7.82
CA ALA A 210 14.96 -5.11 -6.46
C ALA A 210 15.36 -6.56 -6.12
N PRO A 211 16.51 -6.76 -5.44
CA PRO A 211 17.02 -8.12 -5.24
C PRO A 211 16.23 -8.93 -4.22
N LYS A 212 16.13 -10.24 -4.47
CA LYS A 212 15.36 -11.16 -3.63
C LYS A 212 16.32 -12.21 -2.99
N ASP A 213 15.72 -13.10 -2.19
CA ASP A 213 16.43 -14.08 -1.34
C ASP A 213 17.70 -14.70 -1.95
N GLY A 214 17.58 -15.26 -3.15
CA GLY A 214 18.68 -15.98 -3.78
C GLY A 214 19.81 -15.17 -4.40
N ASP A 215 19.61 -13.87 -4.57
CA ASP A 215 20.48 -13.06 -5.43
C ASP A 215 21.86 -12.73 -4.86
N ASP A 216 22.83 -12.62 -5.77
CA ASP A 216 24.14 -12.05 -5.49
C ASP A 216 24.08 -10.57 -5.89
N TRP A 217 23.87 -9.71 -4.88
CA TRP A 217 23.66 -8.27 -5.07
C TRP A 217 24.85 -7.61 -5.78
N SER A 218 26.06 -7.91 -5.32
CA SER A 218 27.27 -7.33 -5.93
C SER A 218 27.42 -7.66 -7.41
N SER A 219 26.94 -8.84 -7.82
CA SER A 219 26.91 -9.24 -9.22
C SER A 219 25.81 -8.53 -10.01
N LEU A 220 24.66 -8.32 -9.38
CA LEU A 220 23.58 -7.53 -9.96
C LEU A 220 23.97 -6.06 -10.17
N ASP A 221 24.80 -5.52 -9.28
CA ASP A 221 25.33 -4.15 -9.44
C ASP A 221 26.14 -4.02 -10.73
N MET A 222 27.02 -4.98 -10.98
CA MET A 222 27.95 -4.91 -12.11
C MET A 222 27.23 -5.07 -13.46
N SER A 223 26.27 -5.99 -13.54
CA SER A 223 25.43 -6.13 -14.74
C SER A 223 24.70 -4.84 -15.08
N PHE A 224 24.11 -4.21 -14.05
CA PHE A 224 23.41 -2.93 -14.19
C PHE A 224 24.37 -1.78 -14.50
N ALA A 225 25.55 -1.79 -13.87
CA ALA A 225 26.59 -0.79 -14.13
C ALA A 225 27.11 -0.86 -15.58
N ASN A 226 27.18 -2.06 -16.13
CA ASN A 226 27.53 -2.25 -17.55
C ASN A 226 26.46 -1.64 -18.46
N ARG A 227 25.19 -1.93 -18.15
CA ARG A 227 24.07 -1.33 -18.88
C ARG A 227 24.07 0.20 -18.81
N LEU A 228 24.27 0.75 -17.61
CA LEU A 228 24.34 2.21 -17.42
C LEU A 228 25.43 2.86 -18.26
N ALA A 229 26.60 2.21 -18.32
CA ALA A 229 27.72 2.71 -19.13
C ALA A 229 27.36 2.89 -20.60
N PHE A 230 26.58 1.94 -21.14
CA PHE A 230 26.07 2.05 -22.51
C PHE A 230 25.05 3.18 -22.63
N TRP A 231 24.00 3.14 -21.83
CA TRP A 231 22.89 4.11 -21.93
C TRP A 231 23.27 5.56 -21.57
N CYS A 232 24.19 5.73 -20.62
CA CYS A 232 24.72 7.05 -20.27
C CYS A 232 25.96 7.44 -21.08
N GLY A 233 26.57 6.48 -21.77
CA GLY A 233 27.71 6.73 -22.63
C GLY A 233 28.99 7.06 -21.88
N LYS A 234 29.26 6.27 -20.84
CA LYS A 234 30.46 6.40 -20.00
C LYS A 234 30.60 7.75 -19.28
N ASP A 235 29.48 8.40 -18.99
CA ASP A 235 29.46 9.59 -18.15
C ASP A 235 29.29 9.08 -16.72
N ILE A 236 30.42 8.91 -16.04
CA ILE A 236 30.46 8.20 -14.75
C ILE A 236 29.62 8.87 -13.65
N GLU A 237 29.48 10.19 -13.68
CA GLU A 237 28.67 10.92 -12.70
C GLU A 237 27.17 10.72 -12.93
N ARG A 238 26.74 10.76 -14.19
CA ARG A 238 25.35 10.45 -14.56
C ARG A 238 25.00 9.00 -14.22
N MET A 239 25.92 8.08 -14.46
CA MET A 239 25.77 6.68 -14.06
C MET A 239 25.53 6.57 -12.55
N ASP A 240 26.37 7.26 -11.78
CA ASP A 240 26.26 7.29 -10.32
C ASP A 240 24.95 7.94 -9.84
N ARG A 241 24.57 9.05 -10.47
CA ARG A 241 23.31 9.74 -10.14
C ARG A 241 22.07 8.90 -10.46
N ILE A 242 22.13 8.10 -11.52
CA ILE A 242 21.04 7.19 -11.89
C ILE A 242 21.03 5.96 -10.99
N PHE A 243 22.22 5.43 -10.70
CA PHE A 243 22.33 4.26 -9.81
C PHE A 243 21.65 4.52 -8.46
N ARG A 244 21.87 5.71 -7.89
CA ARG A 244 21.31 6.07 -6.59
C ARG A 244 19.77 6.09 -6.52
N GLN A 245 19.12 6.28 -7.67
CA GLN A 245 17.66 6.21 -7.78
C GLN A 245 17.12 4.79 -8.01
N SER A 246 17.99 3.85 -8.40
CA SER A 246 17.58 2.47 -8.72
C SER A 246 17.33 1.65 -7.45
N PRO A 247 16.60 0.52 -7.58
CA PRO A 247 16.42 -0.39 -6.43
C PRO A 247 17.64 -1.23 -6.00
N LEU A 248 18.76 -1.13 -6.73
CA LEU A 248 20.03 -1.74 -6.31
C LEU A 248 20.88 -0.85 -5.38
N MET A 249 20.40 0.35 -5.06
CA MET A 249 21.13 1.24 -4.14
C MET A 249 21.12 0.72 -2.72
N ARG A 250 22.24 0.91 -2.04
CA ARG A 250 22.42 0.51 -0.64
C ARG A 250 23.55 1.33 -0.03
N GLN A 251 23.74 1.23 1.28
CA GLN A 251 24.85 1.94 1.96
C GLN A 251 26.24 1.51 1.46
N LYS A 252 26.39 0.24 1.09
CA LYS A 252 27.66 -0.29 0.57
C LYS A 252 28.25 0.52 -0.58
N TRP A 253 27.39 1.07 -1.43
CA TRP A 253 27.80 1.89 -2.57
C TRP A 253 28.80 3.01 -2.18
N ASP A 254 28.62 3.58 -0.99
CA ASP A 254 29.49 4.64 -0.47
C ASP A 254 30.49 4.22 0.59
N ARG A 255 30.60 2.92 0.88
CA ARG A 255 31.60 2.44 1.82
C ARG A 255 32.99 2.55 1.17
N PRO A 256 33.97 3.13 1.89
CA PRO A 256 35.32 3.21 1.33
C PRO A 256 35.93 1.84 1.03
N THR A 257 36.61 1.70 -0.08
CA THR A 257 37.26 0.48 -0.47
C THR A 257 38.54 0.85 -1.12
N ALA A 258 39.63 0.40 -0.56
CA ALA A 258 40.93 0.77 -1.06
C ALA A 258 40.99 2.30 -1.09
N GLY A 259 41.32 2.90 -2.19
CA GLY A 259 41.37 4.35 -2.25
C GLY A 259 40.11 5.05 -2.64
N SER A 260 39.10 4.30 -2.97
CA SER A 260 37.86 4.81 -3.47
C SER A 260 36.64 4.24 -2.76
N THR A 261 35.51 4.14 -3.44
CA THR A 261 34.36 3.44 -2.86
C THR A 261 34.05 2.19 -3.68
N TYR A 262 33.27 1.27 -3.11
CA TYR A 262 32.79 0.10 -3.86
C TYR A 262 32.04 0.52 -5.13
N GLY A 263 31.22 1.57 -5.00
CA GLY A 263 30.44 2.09 -6.10
C GLY A 263 31.27 2.68 -7.21
N ARG A 264 32.20 3.56 -6.84
CA ARG A 264 33.05 4.21 -7.82
C ARG A 264 33.95 3.22 -8.57
N ILE A 265 34.47 2.21 -7.86
CA ILE A 265 35.25 1.13 -8.50
C ILE A 265 34.38 0.29 -9.43
N THR A 266 33.13 0.04 -9.04
CA THR A 266 32.17 -0.68 -9.88
C THR A 266 31.89 0.09 -11.18
N LEU A 267 31.61 1.38 -11.05
CA LEU A 267 31.30 2.22 -12.24
C LEU A 267 32.50 2.38 -13.19
N LYS A 268 33.72 2.44 -12.65
CA LYS A 268 34.94 2.56 -13.48
C LYS A 268 35.22 1.29 -14.28
N LYS A 269 35.12 0.13 -13.64
CA LYS A 269 35.33 -1.15 -14.34
C LYS A 269 34.31 -1.35 -15.47
N ALA A 270 33.07 -0.91 -15.26
CA ALA A 270 32.03 -0.98 -16.29
C ALA A 270 32.38 -0.10 -17.50
N CYS A 271 32.84 1.13 -17.25
CA CYS A 271 33.31 2.04 -18.31
C CYS A 271 34.50 1.48 -19.10
N ASP A 272 35.42 0.80 -18.40
CA ASP A 272 36.56 0.12 -19.03
C ASP A 272 36.14 -1.12 -19.83
N PHE A 273 35.11 -1.83 -19.37
CA PHE A 273 34.65 -3.08 -19.98
C PHE A 273 33.90 -2.89 -21.30
N VAL A 274 32.84 -2.07 -21.29
CA VAL A 274 31.89 -2.01 -22.40
C VAL A 274 32.47 -1.36 -23.68
N ASP A 275 32.24 -2.02 -24.82
CA ASP A 275 32.75 -1.58 -26.13
C ASP A 275 31.90 -0.45 -26.75
N SER A 276 30.58 -0.58 -26.68
CA SER A 276 29.64 0.35 -27.30
C SER A 276 29.16 1.47 -26.37
N VAL A 277 28.57 2.49 -26.97
CA VAL A 277 27.95 3.61 -26.26
C VAL A 277 26.68 4.05 -26.99
N TYR A 278 25.64 4.40 -26.23
CA TYR A 278 24.38 4.88 -26.80
C TYR A 278 24.58 6.28 -27.40
N ASP A 279 24.03 6.47 -28.61
CA ASP A 279 24.13 7.73 -29.33
C ASP A 279 22.72 8.12 -29.80
N PRO A 280 22.18 9.24 -29.27
CA PRO A 280 20.90 9.78 -29.76
C PRO A 280 20.88 10.08 -31.27
N ALA A 281 22.01 10.56 -31.80
CA ALA A 281 22.15 10.93 -33.21
C ALA A 281 22.02 9.75 -34.17
N LEU A 282 22.69 8.64 -33.86
CA LEU A 282 22.68 7.44 -34.72
C LEU A 282 21.44 6.54 -34.51
N ARG A 283 20.76 6.71 -33.39
CA ARG A 283 19.59 5.89 -33.03
C ARG A 283 19.91 4.38 -32.92
N ASN A 284 20.75 4.03 -31.96
CA ASN A 284 21.27 2.66 -31.82
C ASN A 284 20.81 1.97 -30.53
N GLU A 285 19.50 1.89 -30.38
CA GLU A 285 18.90 1.16 -29.25
C GLU A 285 19.26 -0.33 -29.25
N SER A 286 19.27 -0.93 -30.44
CA SER A 286 19.55 -2.36 -30.60
C SER A 286 21.01 -2.73 -30.34
N ASP A 287 21.92 -1.76 -30.48
CA ASP A 287 23.35 -1.98 -30.22
C ASP A 287 23.71 -2.27 -28.75
N CYS A 288 22.77 -2.12 -27.82
CA CYS A 288 22.95 -2.56 -26.44
C CYS A 288 23.27 -4.06 -26.41
N PRO A 289 24.51 -4.44 -26.03
CA PRO A 289 24.90 -5.86 -26.09
C PRO A 289 24.30 -6.77 -25.00
N PHE A 290 23.63 -6.19 -24.00
CA PHE A 290 23.03 -6.94 -22.90
C PHE A 290 21.51 -7.05 -23.07
N GLU A 291 20.98 -8.25 -22.85
CA GLU A 291 19.55 -8.55 -23.03
C GLU A 291 18.74 -7.98 -21.86
N PRO A 292 17.42 -7.74 -22.07
CA PRO A 292 16.64 -7.04 -21.04
C PRO A 292 16.27 -7.91 -19.84
N TYR A 293 15.99 -7.26 -18.71
CA TYR A 293 15.55 -7.93 -17.50
C TYR A 293 14.12 -8.46 -17.69
C SER B 1 -13.79 1.33 -16.80
N MET B 2 -15.07 1.00 -16.83
CA MET B 2 -16.11 1.84 -16.25
C MET B 2 -16.92 1.05 -15.23
N ILE B 3 -16.79 1.41 -13.95
CA ILE B 3 -17.29 0.60 -12.83
C ILE B 3 -18.78 0.24 -12.91
N MET B 4 -19.62 1.20 -13.29
CA MET B 4 -21.07 1.01 -13.33
C MET B 4 -21.60 0.17 -14.50
N GLU B 5 -20.77 -0.02 -15.53
CA GLU B 5 -21.10 -0.92 -16.65
C GLU B 5 -20.80 -2.39 -16.34
N ILE B 6 -20.07 -2.65 -15.25
CA ILE B 6 -19.71 -4.01 -14.86
C ILE B 6 -20.99 -4.70 -14.35
N PRO B 7 -21.44 -5.80 -15.00
CA PRO B 7 -22.70 -6.46 -14.62
C PRO B 7 -22.84 -6.78 -13.13
N ALA B 8 -21.77 -7.28 -12.53
CA ALA B 8 -21.76 -7.57 -11.08
C ALA B 8 -22.05 -6.35 -10.22
N ILE B 9 -21.49 -5.20 -10.61
CA ILE B 9 -21.73 -3.95 -9.88
C ILE B 9 -23.21 -3.52 -10.03
N LYS B 10 -23.80 -3.74 -11.20
CA LYS B 10 -25.23 -3.45 -11.40
C LYS B 10 -26.13 -4.27 -10.46
N ALA B 11 -25.84 -5.56 -10.30
CA ALA B 11 -26.63 -6.45 -9.43
C ALA B 11 -26.52 -6.03 -7.96
N LEU B 12 -25.30 -5.74 -7.51
CA LEU B 12 -25.08 -5.23 -6.15
C LEU B 12 -25.67 -3.84 -5.93
N SER B 13 -25.71 -3.02 -6.99
CA SER B 13 -26.31 -1.68 -6.92
C SER B 13 -27.82 -1.68 -6.69
N ARG B 14 -28.48 -2.82 -6.79
CA ARG B 14 -29.90 -2.96 -6.41
C ARG B 14 -30.11 -2.87 -4.90
N TYR B 15 -29.10 -3.24 -4.11
CA TYR B 15 -29.21 -3.33 -2.65
C TYR B 15 -28.68 -2.07 -2.00
N ALA B 16 -29.34 -1.60 -0.95
CA ALA B 16 -28.92 -0.41 -0.19
C ALA B 16 -28.04 -0.83 0.97
N GLN B 17 -26.95 -1.54 0.64
CA GLN B 17 -26.07 -2.16 1.63
C GLN B 17 -24.62 -1.73 1.41
N TRP B 18 -24.44 -0.50 0.93
CA TRP B 18 -23.11 0.03 0.58
C TRP B 18 -22.53 0.91 1.68
N VAL B 19 -21.21 0.84 1.81
CA VAL B 19 -20.43 1.66 2.73
C VAL B 19 -19.17 2.15 2.00
N ILE B 20 -18.39 2.97 2.69
CA ILE B 20 -17.06 3.39 2.21
C ILE B 20 -16.04 2.99 3.26
N TRP B 21 -14.77 2.94 2.88
CA TRP B 21 -13.71 2.54 3.81
C TRP B 21 -12.46 3.41 3.71
N LYS B 22 -11.74 3.46 4.82
CA LYS B 22 -10.45 4.14 4.92
C LYS B 22 -9.44 3.17 5.50
N LYS B 23 -8.18 3.33 5.12
CA LYS B 23 -7.11 2.48 5.60
C LYS B 23 -6.56 3.04 6.91
N GLU B 24 -6.43 2.23 7.94
CA GLU B 24 -5.83 2.68 9.18
C GLU B 24 -4.71 1.74 9.41
N ARG B 25 -3.50 2.22 9.32
CA ARG B 25 -2.36 1.37 9.49
C ARG B 25 -2.51 0.15 8.56
N ASP B 26 -2.91 -1.00 9.05
CA ASP B 26 -3.08 -2.16 8.19
C ASP B 26 -4.52 -2.61 8.05
N THR B 27 -5.43 -1.93 8.70
CA THR B 27 -6.82 -2.35 8.68
C THR B 27 -7.77 -1.47 7.91
N LYS B 28 -8.87 -2.05 7.42
CA LYS B 28 -9.79 -1.25 6.60
C LYS B 28 -11.13 -1.08 7.32
N ILE B 29 -11.33 0.10 7.89
CA ILE B 29 -12.49 0.41 8.74
C ILE B 29 -13.64 0.93 7.85
N PRO B 30 -14.85 0.37 8.00
CA PRO B 30 -16.02 0.85 7.22
C PRO B 30 -16.67 2.10 7.80
N TYR B 31 -17.16 2.98 6.93
CA TYR B 31 -17.76 4.25 7.32
C TYR B 31 -19.15 4.44 6.71
N ASN B 32 -19.98 5.19 7.44
CA ASN B 32 -21.34 5.56 7.05
C ASN B 32 -21.19 6.62 5.95
N PRO B 33 -21.67 6.32 4.71
CA PRO B 33 -21.45 7.20 3.56
C PRO B 33 -22.31 8.49 3.51
N ASN B 34 -23.32 8.58 4.38
CA ASN B 34 -24.17 9.76 4.48
C ASN B 34 -23.76 10.80 5.54
N ASN B 35 -23.04 10.38 6.59
CA ASN B 35 -22.51 11.33 7.58
C ASN B 35 -21.01 11.16 7.95
N GLY B 36 -20.28 10.29 7.24
CA GLY B 36 -18.84 10.11 7.45
C GLY B 36 -18.41 9.53 8.80
N LYS B 37 -19.35 8.97 9.54
CA LYS B 37 -19.11 8.38 10.85
C LYS B 37 -18.83 6.88 10.64
N LYS B 38 -18.19 6.23 11.61
CA LYS B 38 -17.96 4.77 11.52
C LYS B 38 -19.29 4.02 11.46
N ALA B 39 -19.24 2.82 10.88
CA ALA B 39 -20.45 2.08 10.54
C ALA B 39 -20.48 0.70 11.20
N SER B 40 -21.63 0.36 11.76
CA SER B 40 -21.93 -1.00 12.20
C SER B 40 -22.23 -1.84 10.96
N SER B 41 -21.71 -3.06 10.91
CA SER B 41 -22.02 -4.00 9.83
C SER B 41 -23.29 -4.82 10.07
N THR B 42 -24.00 -4.54 11.16
CA THR B 42 -25.28 -5.19 11.45
C THR B 42 -26.49 -4.25 11.49
N ASP B 43 -26.27 -2.94 11.42
CA ASP B 43 -27.34 -1.93 11.46
C ASP B 43 -27.60 -1.41 10.04
N PRO B 44 -28.76 -1.74 9.43
CA PRO B 44 -29.07 -1.34 8.05
C PRO B 44 -28.98 0.15 7.71
N LEU B 45 -29.44 1.01 8.62
CA LEU B 45 -29.52 2.46 8.34
C LEU B 45 -28.18 3.21 8.47
N ALA B 46 -27.09 2.52 8.77
CA ALA B 46 -25.74 3.08 8.67
C ALA B 46 -25.12 2.91 7.27
N TRP B 47 -25.85 2.24 6.37
CA TRP B 47 -25.38 1.97 5.02
C TRP B 47 -26.12 2.90 4.06
N GLY B 48 -25.74 2.88 2.78
CA GLY B 48 -26.43 3.63 1.74
C GLY B 48 -26.55 2.82 0.46
N ASP B 49 -27.17 3.42 -0.56
CA ASP B 49 -27.17 2.85 -1.92
C ASP B 49 -25.85 3.23 -2.61
N ILE B 50 -25.60 2.68 -3.79
CA ILE B 50 -24.34 2.91 -4.51
C ILE B 50 -24.05 4.40 -4.75
N ASP B 51 -25.09 5.16 -5.11
CA ASP B 51 -24.96 6.59 -5.36
C ASP B 51 -24.54 7.37 -4.13
N GLU B 52 -25.17 7.09 -2.99
CA GLU B 52 -24.77 7.68 -1.70
C GLU B 52 -23.36 7.28 -1.25
N ALA B 53 -22.98 6.03 -1.52
CA ALA B 53 -21.62 5.56 -1.23
C ALA B 53 -20.59 6.24 -2.13
N GLN B 54 -20.97 6.45 -3.40
CA GLN B 54 -20.11 7.17 -4.36
C GLN B 54 -20.00 8.66 -4.04
N ALA B 55 -21.11 9.26 -3.60
CA ALA B 55 -21.13 10.64 -3.11
C ALA B 55 -20.32 10.78 -1.82
N GLY B 56 -20.43 9.79 -0.92
CA GLY B 56 -19.66 9.76 0.32
C GLY B 56 -18.17 9.50 0.12
N LEU B 57 -17.83 8.65 -0.87
CA LEU B 57 -16.45 8.41 -1.25
C LEU B 57 -15.76 9.73 -1.56
N VAL B 58 -16.36 10.50 -2.47
CA VAL B 58 -15.86 11.83 -2.86
C VAL B 58 -15.90 12.82 -1.68
N ARG B 59 -17.00 12.85 -0.95
CA ARG B 59 -17.21 13.85 0.11
C ARG B 59 -16.19 13.80 1.26
N TYR B 60 -15.77 12.58 1.66
CA TYR B 60 -14.89 12.39 2.81
C TYR B 60 -13.47 11.91 2.46
N GLY B 61 -13.12 11.88 1.18
CA GLY B 61 -11.79 11.44 0.74
C GLY B 61 -11.47 10.01 1.12
N ALA B 62 -12.47 9.14 1.09
CA ALA B 62 -12.29 7.73 1.48
C ALA B 62 -11.48 6.94 0.45
N ASN B 63 -11.02 5.77 0.86
CA ASN B 63 -10.14 4.94 0.02
C ASN B 63 -10.88 4.10 -1.04
N GLY B 64 -12.12 3.71 -0.76
CA GLY B 64 -12.89 2.90 -1.70
C GLY B 64 -14.29 2.58 -1.23
N LEU B 65 -15.04 1.87 -2.07
CA LEU B 65 -16.39 1.42 -1.75
C LEU B 65 -16.32 0.06 -1.08
N GLY B 66 -17.37 -0.25 -0.31
CA GLY B 66 -17.56 -1.58 0.26
C GLY B 66 -19.03 -1.98 0.31
N PHE B 67 -19.28 -3.28 0.46
CA PHE B 67 -20.63 -3.85 0.45
C PHE B 67 -20.83 -4.74 1.67
N VAL B 68 -21.93 -4.52 2.39
CA VAL B 68 -22.22 -5.25 3.62
C VAL B 68 -23.07 -6.48 3.31
N LEU B 69 -22.57 -7.65 3.69
CA LEU B 69 -23.28 -8.91 3.47
C LEU B 69 -24.31 -9.14 4.57
N THR B 70 -25.44 -9.73 4.19
CA THR B 70 -26.49 -10.12 5.14
C THR B 70 -26.98 -11.52 4.79
N LYS B 71 -27.70 -12.13 5.71
CA LYS B 71 -28.16 -13.51 5.54
C LYS B 71 -29.38 -13.63 4.63
N SER B 72 -30.09 -12.51 4.41
CA SER B 72 -31.24 -12.50 3.49
C SER B 72 -30.85 -12.35 2.02
N ASP B 73 -29.80 -11.58 1.71
CA ASP B 73 -29.33 -11.44 0.31
C ASP B 73 -28.62 -12.72 -0.18
N PRO B 74 -28.50 -12.90 -1.52
CA PRO B 74 -27.98 -14.17 -2.05
C PRO B 74 -26.45 -14.25 -2.19
N PHE B 75 -25.72 -13.21 -1.82
CA PHE B 75 -24.31 -13.10 -2.16
C PHE B 75 -23.39 -13.79 -1.16
N VAL B 76 -22.38 -14.47 -1.70
CA VAL B 76 -21.32 -15.11 -0.93
C VAL B 76 -19.99 -14.50 -1.37
N PHE B 77 -19.20 -14.08 -0.40
CA PHE B 77 -17.93 -13.40 -0.61
C PHE B 77 -16.84 -14.43 -0.33
N ILE B 78 -15.97 -14.65 -1.33
CA ILE B 78 -14.84 -15.56 -1.21
C ILE B 78 -13.56 -14.74 -1.44
N ASP B 79 -12.70 -14.71 -0.42
CA ASP B 79 -11.46 -13.92 -0.43
C ASP B 79 -10.26 -14.86 -0.53
N LEU B 80 -9.50 -14.73 -1.63
CA LEU B 80 -8.27 -15.46 -1.85
C LEU B 80 -7.12 -14.49 -1.61
N ASP B 81 -6.43 -14.62 -0.48
CA ASP B 81 -5.42 -13.64 -0.04
C ASP B 81 -3.99 -14.07 -0.34
N HIS B 82 -3.17 -13.12 -0.81
CA HIS B 82 -1.76 -13.34 -1.19
C HIS B 82 -1.58 -14.43 -2.23
N VAL B 83 -2.45 -14.47 -3.24
CA VAL B 83 -2.41 -15.52 -4.27
C VAL B 83 -1.93 -15.01 -5.63
N LEU B 84 -1.53 -13.73 -5.71
CA LEU B 84 -1.07 -13.14 -6.96
C LEU B 84 0.40 -12.71 -6.90
N ASP B 85 1.08 -12.87 -8.04
CA ASP B 85 2.47 -12.42 -8.20
C ASP B 85 2.52 -10.92 -8.57
N GLU B 86 3.71 -10.41 -8.88
CA GLU B 86 3.90 -8.98 -9.18
C GLU B 86 3.29 -8.54 -10.53
N ASN B 87 3.12 -9.48 -11.45
CA ASN B 87 2.46 -9.23 -12.75
C ASN B 87 0.95 -9.60 -12.76
N LYS B 88 0.36 -9.72 -11.57
CA LYS B 88 -1.09 -10.00 -11.41
C LYS B 88 -1.57 -11.28 -12.11
N ARG B 89 -0.77 -12.34 -11.96
CA ARG B 89 -1.14 -13.70 -12.37
C ARG B 89 -1.13 -14.59 -11.14
N VAL B 90 -1.83 -15.72 -11.22
CA VAL B 90 -2.03 -16.59 -10.07
C VAL B 90 -0.78 -17.46 -9.84
N LYS B 91 -0.16 -17.31 -8.68
CA LYS B 91 1.05 -18.05 -8.30
C LYS B 91 0.75 -19.35 -7.52
N CYS B 92 -0.37 -19.38 -6.80
CA CYS B 92 -0.76 -20.54 -5.99
C CYS B 92 -1.57 -21.56 -6.78
N GLU B 93 -1.34 -22.84 -6.51
CA GLU B 93 -1.99 -23.92 -7.24
C GLU B 93 -3.45 -24.09 -6.82
N TRP B 94 -3.69 -24.10 -5.51
CA TRP B 94 -5.06 -24.23 -4.97
C TRP B 94 -6.02 -23.13 -5.46
N ALA B 95 -5.48 -21.93 -5.68
CA ALA B 95 -6.26 -20.83 -6.26
C ALA B 95 -6.59 -21.09 -7.72
N ARG B 96 -5.59 -21.56 -8.48
CA ARG B 96 -5.78 -21.95 -9.88
C ARG B 96 -6.82 -23.07 -10.00
N GLN B 97 -6.78 -24.03 -9.07
CA GLN B 97 -7.80 -25.08 -8.98
C GLN B 97 -9.18 -24.49 -8.69
N LEU B 98 -9.24 -23.58 -7.72
CA LEU B 98 -10.50 -22.96 -7.29
C LEU B 98 -11.17 -22.14 -8.39
N LEU B 99 -10.39 -21.39 -9.15
CA LEU B 99 -10.92 -20.58 -10.25
C LEU B 99 -11.41 -21.39 -11.44
N LYS B 100 -10.87 -22.60 -11.63
CA LYS B 100 -11.40 -23.55 -12.62
C LYS B 100 -12.76 -24.09 -12.19
N GLU B 101 -12.88 -24.45 -10.91
CA GLU B 101 -14.09 -25.09 -10.38
C GLU B 101 -15.22 -24.09 -10.13
N ILE B 102 -14.87 -22.90 -9.62
CA ILE B 102 -15.84 -21.82 -9.35
C ILE B 102 -15.55 -20.62 -10.27
N LYS B 103 -16.34 -20.49 -11.34
CA LYS B 103 -16.22 -19.39 -12.29
C LYS B 103 -17.36 -18.38 -12.06
N SER B 104 -17.03 -17.23 -11.48
CA SER B 104 -17.99 -16.16 -11.23
C SER B 104 -17.27 -14.82 -11.20
N TYR B 105 -17.99 -13.74 -10.88
CA TYR B 105 -17.41 -12.40 -10.80
C TYR B 105 -16.16 -12.42 -9.94
N THR B 106 -15.05 -11.95 -10.51
CA THR B 106 -13.77 -11.94 -9.82
C THR B 106 -13.10 -10.59 -10.02
N GLU B 107 -12.56 -10.05 -8.94
CA GLU B 107 -11.84 -8.79 -8.98
C GLU B 107 -10.58 -8.88 -8.12
N ILE B 108 -9.61 -8.03 -8.43
CA ILE B 108 -8.37 -7.97 -7.67
C ILE B 108 -8.60 -7.11 -6.43
N SER B 109 -8.04 -7.54 -5.31
CA SER B 109 -8.17 -6.84 -4.03
C SER B 109 -7.55 -5.43 -4.08
N PRO B 110 -7.84 -4.58 -3.07
CA PRO B 110 -7.24 -3.23 -3.06
C PRO B 110 -5.71 -3.25 -3.03
N SER B 111 -5.16 -4.11 -2.17
CA SER B 111 -3.70 -4.26 -2.02
C SER B 111 -3.01 -4.67 -3.33
N GLY B 112 -3.70 -5.48 -4.14
CA GLY B 112 -3.22 -5.89 -5.46
C GLY B 112 -2.61 -7.28 -5.53
N ASP B 113 -2.48 -7.96 -4.39
CA ASP B 113 -1.91 -9.31 -4.34
C ASP B 113 -2.93 -10.42 -4.03
N GLY B 114 -4.22 -10.06 -3.96
CA GLY B 114 -5.29 -11.01 -3.67
C GLY B 114 -6.45 -10.89 -4.64
N LEU B 115 -7.41 -11.80 -4.52
CA LEU B 115 -8.60 -11.83 -5.36
C LEU B 115 -9.85 -11.92 -4.50
N HIS B 116 -10.93 -11.29 -4.97
CA HIS B 116 -12.27 -11.48 -4.42
C HIS B 116 -13.12 -12.19 -5.45
N VAL B 117 -13.99 -13.08 -4.99
CA VAL B 117 -14.95 -13.77 -5.85
C VAL B 117 -16.33 -13.60 -5.21
N VAL B 118 -17.29 -13.12 -6.01
CA VAL B 118 -18.68 -12.98 -5.57
C VAL B 118 -19.52 -14.02 -6.31
N VAL B 119 -20.32 -14.76 -5.55
CA VAL B 119 -21.19 -15.80 -6.09
C VAL B 119 -22.58 -15.64 -5.50
N SER B 120 -23.62 -15.91 -6.29
CA SER B 120 -24.97 -16.03 -5.79
C SER B 120 -25.15 -17.48 -5.37
N GLY B 121 -25.29 -17.72 -4.07
CA GLY B 121 -25.51 -19.07 -3.59
C GLY B 121 -25.62 -19.15 -2.08
N LYS B 122 -25.12 -20.26 -1.54
CA LYS B 122 -25.21 -20.57 -0.11
C LYS B 122 -23.95 -21.34 0.29
N LEU B 123 -23.34 -20.97 1.42
CA LEU B 123 -22.19 -21.72 1.95
C LEU B 123 -22.66 -23.02 2.60
N PRO B 124 -21.91 -24.12 2.41
CA PRO B 124 -22.22 -25.31 3.21
C PRO B 124 -21.88 -25.06 4.68
N ASP B 125 -22.71 -25.59 5.57
CA ASP B 125 -22.59 -25.33 7.03
C ASP B 125 -21.42 -26.04 7.72
N TYR B 126 -20.71 -26.90 7.01
CA TYR B 126 -19.67 -27.77 7.57
C TYR B 126 -18.23 -27.30 7.27
N ILE B 127 -18.05 -26.05 6.81
CA ILE B 127 -16.70 -25.52 6.55
C ILE B 127 -16.39 -24.26 7.38
N LYS B 128 -15.12 -24.09 7.70
CA LYS B 128 -14.67 -22.96 8.51
C LYS B 128 -14.57 -21.72 7.64
N HIS B 129 -14.82 -20.56 8.25
CA HIS B 129 -14.72 -19.28 7.55
C HIS B 129 -13.31 -18.97 7.06
N LYS B 130 -12.29 -19.36 7.83
CA LYS B 130 -10.87 -19.07 7.51
C LYS B 130 -10.03 -20.35 7.38
N THR B 131 -9.15 -20.37 6.37
CA THR B 131 -8.24 -21.48 6.13
C THR B 131 -6.88 -20.93 5.67
N LYS B 132 -5.87 -21.07 6.53
CA LYS B 132 -4.48 -20.71 6.19
C LYS B 132 -3.77 -21.85 5.47
N PHE B 133 -2.86 -21.50 4.56
CA PHE B 133 -1.96 -22.46 3.91
C PHE B 133 -0.51 -22.21 4.37
N ASP B 134 0.38 -23.17 4.12
CA ASP B 134 1.77 -23.09 4.59
C ASP B 134 2.57 -21.98 3.92
N ASP B 135 2.45 -21.87 2.60
CA ASP B 135 3.21 -20.87 1.81
C ASP B 135 2.97 -19.40 2.21
N GLY B 136 1.78 -19.09 2.74
CA GLY B 136 1.40 -17.72 3.10
C GLY B 136 0.02 -17.30 2.61
N SER B 137 -0.55 -18.04 1.67
CA SER B 137 -1.88 -17.71 1.12
C SER B 137 -3.01 -18.08 2.08
N ALA B 138 -4.22 -17.61 1.78
CA ALA B 138 -5.38 -17.83 2.65
C ALA B 138 -6.71 -17.82 1.88
N LEU B 139 -7.66 -18.60 2.40
CA LEU B 139 -9.04 -18.63 1.90
C LEU B 139 -9.97 -18.18 3.01
N GLU B 140 -10.75 -17.14 2.75
CA GLU B 140 -11.81 -16.68 3.66
C GLU B 140 -13.15 -16.71 2.93
N VAL B 141 -14.20 -17.16 3.63
CA VAL B 141 -15.55 -17.22 3.04
C VAL B 141 -16.62 -16.73 4.01
N TYR B 142 -17.46 -15.81 3.54
CA TYR B 142 -18.56 -15.25 4.32
C TYR B 142 -19.79 -15.00 3.45
N GLU B 143 -20.98 -15.12 4.06
CA GLU B 143 -22.25 -14.73 3.43
C GLU B 143 -23.04 -13.69 4.24
N SER B 144 -22.58 -13.37 5.46
CA SER B 144 -23.23 -12.37 6.31
C SER B 144 -22.32 -11.84 7.41
N GLY B 145 -22.77 -10.78 8.07
CA GLY B 145 -22.15 -10.28 9.30
C GLY B 145 -21.07 -9.24 9.14
N ARG B 146 -20.46 -9.15 7.96
CA ARG B 146 -19.36 -8.21 7.72
C ARG B 146 -19.40 -7.61 6.32
N TYR B 147 -18.56 -6.61 6.10
CA TYR B 147 -18.47 -5.94 4.81
C TYR B 147 -17.32 -6.49 3.98
N MET B 148 -17.35 -6.10 2.70
CA MET B 148 -16.39 -6.54 1.69
C MET B 148 -16.04 -5.31 0.87
N THR B 149 -14.75 -5.10 0.57
CA THR B 149 -14.32 -3.99 -0.27
C THR B 149 -14.61 -4.30 -1.74
N ILE B 150 -15.01 -3.28 -2.49
CA ILE B 150 -15.34 -3.39 -3.91
C ILE B 150 -14.45 -2.43 -4.70
N THR B 151 -13.53 -2.99 -5.49
CA THR B 151 -12.59 -2.23 -6.33
C THR B 151 -13.10 -2.03 -7.75
N GLY B 152 -13.72 -3.06 -8.31
CA GLY B 152 -14.16 -3.05 -9.71
C GLY B 152 -13.07 -3.41 -10.70
N GLU B 153 -11.90 -3.83 -10.21
CA GLU B 153 -10.77 -4.17 -11.08
C GLU B 153 -10.92 -5.63 -11.51
N VAL B 154 -11.57 -5.84 -12.66
CA VAL B 154 -12.00 -7.17 -13.08
C VAL B 154 -10.80 -8.04 -13.47
N PHE B 155 -10.78 -9.26 -12.93
CA PHE B 155 -9.76 -10.27 -13.21
C PHE B 155 -10.24 -11.21 -14.32
N ASP B 156 -9.46 -11.34 -15.40
CA ASP B 156 -9.68 -12.33 -16.45
C ASP B 156 -11.05 -12.23 -17.15
N GLY B 157 -11.55 -11.00 -17.30
CA GLY B 157 -12.87 -10.76 -17.92
C GLY B 157 -14.07 -11.35 -17.19
N ARG B 158 -13.90 -11.73 -15.92
CA ARG B 158 -14.95 -12.36 -15.11
C ARG B 158 -15.77 -11.26 -14.43
N ASP B 159 -16.76 -10.75 -15.15
CA ASP B 159 -17.47 -9.51 -14.78
C ASP B 159 -18.91 -9.71 -14.28
N ASP B 160 -19.34 -10.96 -14.19
CA ASP B 160 -20.74 -11.30 -13.98
C ASP B 160 -20.89 -12.26 -12.80
N ILE B 161 -21.87 -12.01 -11.94
CA ILE B 161 -22.14 -12.87 -10.78
C ILE B 161 -23.03 -14.02 -11.22
N LYS B 162 -22.57 -15.25 -10.99
CA LYS B 162 -23.25 -16.46 -11.41
C LYS B 162 -23.88 -17.17 -10.22
N GLU B 163 -25.03 -17.78 -10.45
CA GLU B 163 -25.63 -18.72 -9.50
C GLU B 163 -24.87 -20.04 -9.59
N LEU B 164 -24.19 -20.43 -8.51
CA LEU B 164 -23.39 -21.67 -8.48
C LEU B 164 -23.56 -22.46 -7.19
N ASP B 165 -23.31 -23.76 -7.29
CA ASP B 165 -23.16 -24.65 -6.14
C ASP B 165 -21.78 -24.40 -5.52
N LEU B 166 -21.73 -24.41 -4.19
CA LEU B 166 -20.48 -24.16 -3.46
C LEU B 166 -20.11 -25.33 -2.53
N SER B 167 -20.44 -26.55 -2.96
CA SER B 167 -19.97 -27.77 -2.31
C SER B 167 -18.46 -27.98 -2.52
N ILE B 168 -17.95 -27.49 -3.65
CA ILE B 168 -16.56 -27.69 -4.05
C ILE B 168 -15.54 -26.97 -3.13
N LEU B 169 -16.01 -25.98 -2.35
CA LEU B 169 -15.20 -25.37 -1.29
C LEU B 169 -14.74 -26.37 -0.22
N GLY B 170 -15.38 -27.54 -0.14
CA GLY B 170 -14.90 -28.67 0.66
C GLY B 170 -13.53 -29.18 0.27
N GLU B 171 -13.14 -29.03 -1.01
CA GLU B 171 -11.79 -29.41 -1.46
C GLU B 171 -10.67 -28.51 -0.92
N PHE B 172 -11.01 -27.24 -0.63
CA PHE B 172 -10.03 -26.23 -0.27
C PHE B 172 -10.10 -25.81 1.19
N ALA B 173 -11.30 -25.45 1.65
CA ALA B 173 -11.51 -25.02 3.04
C ALA B 173 -11.47 -26.19 4.02
N GLU B 174 -11.00 -25.92 5.24
CA GLU B 174 -11.00 -26.91 6.33
C GLU B 174 -12.41 -27.07 6.91
N HIS B 175 -12.78 -28.29 7.26
CA HIS B 175 -14.12 -28.59 7.75
C HIS B 175 -14.18 -28.40 9.27
N LYS B 176 -15.39 -28.19 9.78
CA LYS B 176 -15.65 -28.04 11.22
C LYS B 176 -16.72 -29.03 11.70
N ILE B 177 -16.69 -29.33 13.01
CA ILE B 177 -17.57 -30.32 13.64
C ILE B 177 -18.73 -29.62 14.35
N LEU B 192 -17.39 -15.34 16.18
CA LEU B 192 -16.25 -14.46 16.45
C LEU B 192 -15.87 -14.50 17.94
N ASP B 193 -15.68 -15.70 18.48
CA ASP B 193 -15.34 -15.90 19.90
C ASP B 193 -13.83 -15.84 20.12
N ASP B 194 -13.06 -16.44 19.21
CA ASP B 194 -11.62 -16.21 19.13
C ASP B 194 -11.33 -14.75 18.74
N GLU B 195 -12.11 -14.22 17.80
CA GLU B 195 -12.01 -12.82 17.37
C GLU B 195 -12.37 -11.80 18.46
N ALA B 196 -13.27 -12.18 19.37
CA ALA B 196 -13.59 -11.37 20.55
C ALA B 196 -12.37 -11.22 21.46
N ILE B 197 -11.63 -12.32 21.65
CA ILE B 197 -10.39 -12.30 22.43
C ILE B 197 -9.32 -11.46 21.72
N ILE B 198 -9.19 -11.64 20.40
CA ILE B 198 -8.22 -10.87 19.59
C ILE B 198 -8.55 -9.38 19.64
N ASP B 199 -9.83 -9.04 19.44
CA ASP B 199 -10.29 -7.66 19.47
C ASP B 199 -10.13 -7.03 20.87
N LEU B 200 -10.42 -7.83 21.90
CA LEU B 200 -10.19 -7.42 23.30
C LEU B 200 -8.72 -7.14 23.57
N MET B 201 -7.83 -8.04 23.13
CA MET B 201 -6.38 -7.87 23.28
C MET B 201 -5.83 -6.64 22.55
N LYS B 202 -6.38 -6.33 21.36
CA LYS B 202 -5.92 -5.18 20.57
C LYS B 202 -6.20 -3.83 21.25
N ARG B 203 -7.40 -3.67 21.81
CA ARG B 203 -7.77 -2.42 22.50
C ARG B 203 -7.23 -2.29 23.94
N LYS B 204 -6.65 -3.35 24.49
CA LYS B 204 -5.91 -3.29 25.76
C LYS B 204 -4.39 -3.07 25.55
N GLY B 205 -3.95 -2.96 24.30
CA GLY B 205 -2.53 -2.83 23.98
C GLY B 205 -1.72 -4.10 24.17
N GLN B 206 -2.39 -5.26 24.12
CA GLN B 206 -1.76 -6.55 24.37
C GLN B 206 -1.50 -7.36 23.08
N TRP B 207 -1.64 -6.72 21.92
CA TRP B 207 -1.35 -7.34 20.62
C TRP B 207 0.07 -6.96 20.16
N PRO B 208 0.93 -7.96 19.89
CA PRO B 208 2.34 -7.68 19.66
C PRO B 208 2.64 -7.07 18.29
N ASP B 209 3.73 -6.31 18.22
CA ASP B 209 4.22 -5.77 16.95
C ASP B 209 4.95 -6.87 16.19
N ALA B 210 4.94 -6.77 14.86
CA ALA B 210 5.81 -7.61 14.02
C ALA B 210 7.27 -7.29 14.36
N PRO B 211 8.13 -8.32 14.43
CA PRO B 211 9.50 -8.11 14.91
C PRO B 211 10.42 -7.41 13.90
N LYS B 212 11.36 -6.60 14.41
CA LYS B 212 12.35 -5.86 13.58
C LYS B 212 13.77 -6.43 13.78
N ASP B 213 14.74 -5.97 12.98
CA ASP B 213 16.13 -6.50 12.94
C ASP B 213 16.71 -6.92 14.30
N GLY B 214 16.68 -6.01 15.27
CA GLY B 214 17.32 -6.23 16.57
C GLY B 214 16.62 -7.15 17.55
N ASP B 215 15.37 -7.53 17.28
CA ASP B 215 14.56 -8.33 18.21
C ASP B 215 15.01 -9.78 18.36
N ASP B 216 14.80 -10.32 19.56
CA ASP B 216 14.89 -11.74 19.84
C ASP B 216 13.47 -12.32 19.69
N TRP B 217 13.20 -12.90 18.53
CA TRP B 217 11.86 -13.41 18.16
C TRP B 217 11.37 -14.48 19.14
N SER B 218 12.24 -15.44 19.46
CA SER B 218 11.87 -16.51 20.40
C SER B 218 11.45 -16.00 21.77
N SER B 219 12.07 -14.89 22.21
CA SER B 219 11.69 -14.22 23.46
C SER B 219 10.37 -13.47 23.34
N LEU B 220 10.13 -12.84 22.18
CA LEU B 220 8.85 -12.19 21.89
C LEU B 220 7.69 -13.18 21.83
N ASP B 221 7.95 -14.41 21.36
CA ASP B 221 6.94 -15.48 21.37
C ASP B 221 6.46 -15.79 22.79
N MET B 222 7.42 -15.93 23.72
CA MET B 222 7.11 -16.36 25.08
C MET B 222 6.36 -15.30 25.87
N SER B 223 6.75 -14.03 25.72
CA SER B 223 6.01 -12.91 26.32
C SER B 223 4.56 -12.88 25.86
N PHE B 224 4.35 -13.02 24.54
CA PHE B 224 3.02 -13.08 23.94
C PHE B 224 2.24 -14.34 24.33
N ALA B 225 2.94 -15.47 24.42
CA ALA B 225 2.34 -16.74 24.87
C ALA B 225 1.86 -16.67 26.33
N ASN B 226 2.60 -15.96 27.17
CA ASN B 226 2.18 -15.69 28.54
C ASN B 226 0.90 -14.86 28.58
N ARG B 227 0.87 -13.78 27.78
CA ARG B 227 -0.34 -12.96 27.64
C ARG B 227 -1.54 -13.77 27.14
N LEU B 228 -1.34 -14.57 26.10
CA LEU B 228 -2.42 -15.43 25.56
C LEU B 228 -3.00 -16.38 26.61
N ALA B 229 -2.13 -16.97 27.43
CA ALA B 229 -2.55 -17.87 28.51
C ALA B 229 -3.52 -17.21 29.48
N PHE B 230 -3.27 -15.95 29.80
CA PHE B 230 -4.19 -15.15 30.63
C PHE B 230 -5.51 -14.88 29.90
N TRP B 231 -5.43 -14.27 28.72
CA TRP B 231 -6.63 -13.84 27.98
C TRP B 231 -7.50 -15.00 27.46
N CYS B 232 -6.88 -16.12 27.10
CA CYS B 232 -7.61 -17.33 26.69
C CYS B 232 -7.92 -18.26 27.86
N GLY B 233 -7.27 -18.05 29.00
CA GLY B 233 -7.52 -18.82 30.22
C GLY B 233 -7.01 -20.24 30.13
N LYS B 234 -5.77 -20.38 29.63
CA LYS B 234 -5.08 -21.67 29.51
C LYS B 234 -5.78 -22.71 28.61
N ASP B 235 -6.53 -22.23 27.62
CA ASP B 235 -7.09 -23.09 26.59
C ASP B 235 -6.04 -23.13 25.48
N ILE B 236 -5.20 -24.17 25.53
CA ILE B 236 -3.99 -24.25 24.71
C ILE B 236 -4.27 -24.24 23.20
N GLU B 237 -5.40 -24.80 22.78
CA GLU B 237 -5.79 -24.82 21.36
C GLU B 237 -6.23 -23.45 20.86
N ARG B 238 -7.00 -22.73 21.66
CA ARG B 238 -7.38 -21.34 21.35
C ARG B 238 -6.16 -20.43 21.31
N MET B 239 -5.22 -20.63 22.24
CA MET B 239 -3.94 -19.91 22.24
C MET B 239 -3.21 -20.14 20.92
N ASP B 240 -3.12 -21.40 20.51
CA ASP B 240 -2.46 -21.79 19.26
C ASP B 240 -3.18 -21.23 18.02
N ARG B 241 -4.51 -21.28 18.03
CA ARG B 241 -5.33 -20.73 16.93
C ARG B 241 -5.22 -19.20 16.82
N ILE B 242 -5.05 -18.51 17.95
CA ILE B 242 -4.84 -17.05 17.96
C ILE B 242 -3.40 -16.70 17.58
N PHE B 243 -2.44 -17.48 18.07
CA PHE B 243 -1.04 -17.25 17.75
C PHE B 243 -0.80 -17.25 16.24
N ARG B 244 -1.42 -18.21 15.55
CA ARG B 244 -1.26 -18.35 14.09
C ARG B 244 -1.75 -17.14 13.28
N GLN B 245 -2.67 -16.37 13.84
CA GLN B 245 -3.14 -15.12 13.23
C GLN B 245 -2.28 -13.89 13.54
N SER B 246 -1.41 -14.00 14.56
CA SER B 246 -0.60 -12.87 15.00
C SER B 246 0.60 -12.65 14.08
N PRO B 247 1.22 -11.44 14.13
CA PRO B 247 2.45 -11.18 13.37
C PRO B 247 3.73 -11.89 13.87
N LEU B 248 3.66 -12.61 15.00
CA LEU B 248 4.79 -13.44 15.46
C LEU B 248 4.80 -14.86 14.87
N MET B 249 3.83 -15.20 14.02
CA MET B 249 3.79 -16.51 13.39
C MET B 249 4.89 -16.69 12.37
N ARG B 250 5.44 -17.90 12.32
CA ARG B 250 6.50 -18.28 11.39
C ARG B 250 6.50 -19.80 11.23
N GLN B 251 7.30 -20.31 10.29
CA GLN B 251 7.43 -21.76 10.08
C GLN B 251 7.97 -22.51 11.30
N LYS B 252 8.86 -21.86 12.05
CA LYS B 252 9.46 -22.45 13.27
C LYS B 252 8.43 -22.98 14.26
N TRP B 253 7.29 -22.29 14.37
CA TRP B 253 6.20 -22.70 15.27
C TRP B 253 5.82 -24.18 15.13
N ASP B 254 5.88 -24.71 13.91
CA ASP B 254 5.55 -26.11 13.61
C ASP B 254 6.74 -27.03 13.37
N ARG B 255 7.97 -26.54 13.58
CA ARG B 255 9.15 -27.39 13.44
C ARG B 255 9.21 -28.35 14.64
N PRO B 256 9.42 -29.66 14.37
CA PRO B 256 9.51 -30.61 15.50
C PRO B 256 10.67 -30.31 16.45
N THR B 257 10.46 -30.49 17.74
CA THR B 257 11.45 -30.26 18.77
C THR B 257 11.27 -31.25 19.86
N ALA B 258 12.26 -32.06 20.16
CA ALA B 258 12.11 -33.11 21.15
C ALA B 258 10.96 -33.99 20.65
N GLY B 259 9.93 -34.21 21.43
CA GLY B 259 8.80 -34.97 20.96
C GLY B 259 7.59 -34.17 20.56
N SER B 260 7.75 -32.88 20.56
CA SER B 260 6.66 -31.92 20.36
C SER B 260 7.05 -30.95 19.23
N THR B 261 6.47 -29.75 19.21
CA THR B 261 6.95 -28.65 18.34
C THR B 261 7.46 -27.50 19.22
N TYR B 262 8.23 -26.58 18.63
CA TYR B 262 8.65 -25.37 19.34
C TYR B 262 7.43 -24.59 19.87
N GLY B 263 6.39 -24.51 19.05
CA GLY B 263 5.17 -23.80 19.41
C GLY B 263 4.42 -24.42 20.55
N ARG B 264 4.20 -25.73 20.47
CA ARG B 264 3.47 -26.45 21.50
C ARG B 264 4.20 -26.43 22.85
N ILE B 265 5.53 -26.55 22.82
CA ILE B 265 6.35 -26.44 24.04
C ILE B 265 6.30 -25.02 24.61
N THR B 266 6.28 -24.01 23.74
CA THR B 266 6.14 -22.61 24.15
C THR B 266 4.79 -22.37 24.84
N LEU B 267 3.70 -22.83 24.23
CA LEU B 267 2.36 -22.65 24.80
C LEU B 267 2.15 -23.39 26.13
N LYS B 268 2.76 -24.58 26.29
CA LYS B 268 2.67 -25.35 27.53
C LYS B 268 3.39 -24.68 28.70
N LYS B 269 4.61 -24.21 28.47
CA LYS B 269 5.38 -23.50 29.51
C LYS B 269 4.67 -22.23 29.98
N ALA B 270 4.01 -21.53 29.06
CA ALA B 270 3.22 -20.34 29.40
C ALA B 270 2.03 -20.69 30.30
N CYS B 271 1.30 -21.77 29.98
CA CYS B 271 0.21 -22.27 30.82
C CYS B 271 0.67 -22.69 32.22
N ASP B 272 1.85 -23.30 32.31
CA ASP B 272 2.46 -23.67 33.59
C ASP B 272 2.95 -22.46 34.39
N PHE B 273 3.42 -21.42 33.70
CA PHE B 273 3.98 -20.23 34.35
C PHE B 273 2.94 -19.31 34.98
N VAL B 274 1.95 -18.88 34.19
CA VAL B 274 1.05 -17.80 34.62
C VAL B 274 0.08 -18.19 35.75
N ASP B 275 -0.01 -17.31 36.75
CA ASP B 275 -0.83 -17.55 37.95
C ASP B 275 -2.32 -17.24 37.73
N SER B 276 -2.60 -16.13 37.04
CA SER B 276 -3.97 -15.65 36.81
C SER B 276 -4.58 -16.14 35.49
N VAL B 277 -5.90 -15.98 35.41
CA VAL B 277 -6.66 -16.25 34.18
C VAL B 277 -7.79 -15.24 34.03
N TYR B 278 -8.05 -14.83 32.78
CA TYR B 278 -9.12 -13.89 32.48
C TYR B 278 -10.48 -14.56 32.69
N ASP B 279 -11.39 -13.84 33.34
CA ASP B 279 -12.73 -14.32 33.64
C ASP B 279 -13.74 -13.24 33.19
N PRO B 280 -14.57 -13.53 32.18
CA PRO B 280 -15.65 -12.63 31.79
C PRO B 280 -16.63 -12.29 32.93
N ALA B 281 -16.91 -13.26 33.79
CA ALA B 281 -17.86 -13.11 34.90
C ALA B 281 -17.41 -12.12 35.96
N LEU B 282 -16.14 -12.21 36.38
CA LEU B 282 -15.60 -11.34 37.44
C LEU B 282 -14.87 -10.10 36.90
N ARG B 283 -14.88 -9.88 35.57
CA ARG B 283 -14.45 -8.63 34.91
C ARG B 283 -13.10 -8.09 35.38
N ASN B 284 -12.07 -8.90 35.12
CA ASN B 284 -10.72 -8.66 35.66
C ASN B 284 -9.70 -8.36 34.55
N GLU B 285 -9.98 -7.31 33.78
CA GLU B 285 -9.05 -6.82 32.74
C GLU B 285 -7.72 -6.34 33.36
N SER B 286 -7.80 -5.67 34.52
CA SER B 286 -6.63 -5.13 35.20
C SER B 286 -5.72 -6.20 35.84
N ASP B 287 -6.29 -7.37 36.14
CA ASP B 287 -5.51 -8.50 36.70
C ASP B 287 -4.45 -9.10 35.78
N CYS B 288 -4.44 -8.71 34.50
CA CYS B 288 -3.36 -9.07 33.58
C CYS B 288 -2.02 -8.57 34.15
N PRO B 289 -1.12 -9.50 34.58
CA PRO B 289 0.13 -9.08 35.23
C PRO B 289 1.20 -8.47 34.30
N PHE B 290 1.00 -8.54 32.98
CA PHE B 290 1.94 -8.02 32.01
C PHE B 290 1.44 -6.69 31.41
N GLU B 291 2.36 -5.73 31.30
CA GLU B 291 2.05 -4.37 30.84
C GLU B 291 1.88 -4.36 29.31
N PRO B 292 1.15 -3.38 28.75
CA PRO B 292 0.83 -3.42 27.32
C PRO B 292 1.99 -3.06 26.41
N TYR B 293 1.92 -3.52 25.15
CA TYR B 293 2.92 -3.21 24.13
C TYR B 293 2.81 -1.74 23.71
#